data_4UMQ
#
_entry.id   4UMQ
#
_cell.length_a   102.235
_cell.length_b   102.235
_cell.length_c   65.117
_cell.angle_alpha   90.00
_cell.angle_beta   90.00
_cell.angle_gamma   120.00
#
_symmetry.space_group_name_H-M   'P 31 2 1'
#
loop_
_entity.id
_entity.type
_entity.pdbx_description
1 polymer 'MATERNAL EMBRYONIC LEUCINE ZIPPER KINASE'
2 non-polymer 3-{5-[(3-hydroxy-5-methoxyphenyl)amino]-2-(phenylcarbamoyl)phenoxy}propan-1-aminium
3 water water
#
_entity_poly.entity_id   1
_entity_poly.type   'polypeptide(L)'
_entity_poly.pdbx_seq_one_letter_code
;MGSSHHHHHHSSGLVPRGSHMKDYDELLKYYELHETIGTGGFAKVKLACHILTGEMVAIKIMDKNTLGSDLPRIKTEIEA
LKNLRHQHICQLYHVLETANKIFMVLEYCPGGELFDYIISQDRLSEEETRVVFRQIVSAVAYVHSQGYAHRDLKPENLLF
DEYHKLKLIDFGLCAKPKGNKDYHLQACCGSLAYAAPELIQGKSYLGSEADVWSMGILLYVLMCGFLPFDDDTAAALVAK
IMRGKYDVPKWLSPSSILLLQQMLQVDPKKRISMKNLLNHPWIMQDYNYPVEWQSKNPFIHLDDDCVTELSVHHRNNRQT
MEDLISLWQYDHLTATYLLLLAKKARGKPVRLRLSS
;
_entity_poly.pdbx_strand_id   A
#
loop_
_chem_comp.id
_chem_comp.type
_chem_comp.name
_chem_comp.formula
B5S non-polymer 3-{5-[(3-hydroxy-5-methoxyphenyl)amino]-2-(phenylcarbamoyl)phenoxy}propan-1-aminium 'C23 H26 N3 O4 1'
#
# COMPACT_ATOMS: atom_id res chain seq x y z
N ASP A 25 -23.76 0.09 10.73
CA ASP A 25 -23.69 0.43 9.28
C ASP A 25 -24.76 1.50 8.99
N GLU A 26 -24.77 2.55 9.80
CA GLU A 26 -25.93 3.47 9.84
C GLU A 26 -25.64 4.91 9.35
N LEU A 27 -24.52 5.48 9.80
CA LEU A 27 -24.15 6.84 9.41
C LEU A 27 -23.89 6.92 7.88
N LEU A 28 -23.44 5.80 7.29
CA LEU A 28 -23.37 5.61 5.83
C LEU A 28 -24.75 5.86 5.13
N LYS A 29 -25.05 7.15 5.01
CA LYS A 29 -26.02 7.68 4.07
C LYS A 29 -25.19 8.42 3.01
N TYR A 30 -23.90 8.08 2.94
CA TYR A 30 -22.99 8.63 1.96
C TYR A 30 -22.70 7.63 0.83
N TYR A 31 -22.96 6.35 1.09
CA TYR A 31 -22.54 5.24 0.23
C TYR A 31 -23.62 4.16 0.05
N GLU A 32 -23.75 3.59 -1.16
CA GLU A 32 -24.60 2.42 -1.45
C GLU A 32 -23.77 1.15 -1.36
N LEU A 33 -23.83 0.45 -0.23
CA LEU A 33 -23.07 -0.79 -0.06
C LEU A 33 -23.43 -1.86 -1.12
N HIS A 34 -22.40 -2.47 -1.71
CA HIS A 34 -22.58 -3.64 -2.55
C HIS A 34 -22.00 -4.84 -1.80
N GLU A 35 -21.21 -5.66 -2.47
CA GLU A 35 -20.95 -7.00 -1.99
C GLU A 35 -19.69 -7.01 -1.12
N THR A 36 -19.53 -8.08 -0.36
CA THR A 36 -18.30 -8.36 0.40
C THR A 36 -17.25 -8.93 -0.54
N ILE A 37 -15.99 -8.53 -0.34
CA ILE A 37 -14.85 -9.10 -1.06
C ILE A 37 -13.64 -9.45 -0.17
N GLY A 38 -13.71 -9.06 1.10
CA GLY A 38 -12.62 -9.27 2.04
C GLY A 38 -13.23 -9.73 3.34
N THR A 39 -12.74 -10.85 3.85
CA THR A 39 -13.22 -11.36 5.12
C THR A 39 -12.03 -11.71 6.02
N GLY A 40 -11.89 -10.97 7.12
CA GLY A 40 -10.86 -11.23 8.13
C GLY A 40 -11.47 -11.41 9.52
N GLY A 41 -10.66 -11.93 10.44
CA GLY A 41 -11.01 -12.04 11.85
C GLY A 41 -10.95 -10.68 12.53
N PHE A 42 -10.16 -9.77 11.96
CA PHE A 42 -10.11 -8.38 12.44
C PHE A 42 -11.12 -7.47 11.75
N ALA A 43 -11.32 -7.65 10.43
CA ALA A 43 -12.10 -6.73 9.57
C ALA A 43 -12.64 -7.38 8.28
N LYS A 44 -13.57 -6.70 7.60
CA LYS A 44 -14.19 -7.24 6.39
C LYS A 44 -14.55 -6.15 5.36
N VAL A 45 -14.01 -6.26 4.16
CA VAL A 45 -14.13 -5.22 3.14
C VAL A 45 -15.37 -5.43 2.28
N LYS A 46 -16.05 -4.32 1.96
CA LYS A 46 -17.19 -4.33 1.08
C LYS A 46 -17.00 -3.33 -0.04
N LEU A 47 -17.37 -3.71 -1.27
CA LEU A 47 -17.48 -2.75 -2.38
C LEU A 47 -18.62 -1.80 -2.08
N ALA A 48 -18.42 -0.53 -2.38
CA ALA A 48 -19.47 0.46 -2.17
C ALA A 48 -19.37 1.51 -3.23
N CYS A 49 -20.33 2.43 -3.23
CA CYS A 49 -20.41 3.46 -4.27
C CYS A 49 -20.74 4.81 -3.64
N HIS A 50 -19.92 5.82 -3.91
CA HIS A 50 -20.11 7.15 -3.32
C HIS A 50 -21.26 7.92 -3.93
N ILE A 51 -22.30 8.16 -3.12
CA ILE A 51 -23.60 8.62 -3.61
C ILE A 51 -23.42 9.85 -4.47
N LEU A 52 -22.78 10.86 -3.89
CA LEU A 52 -22.64 12.15 -4.53
C LEU A 52 -21.85 12.13 -5.82
N THR A 53 -20.75 11.39 -5.85
CA THR A 53 -19.87 11.45 -7.04
C THR A 53 -20.22 10.39 -8.07
N GLY A 54 -20.80 9.28 -7.63
CA GLY A 54 -20.89 8.11 -8.48
C GLY A 54 -19.70 7.18 -8.34
N GLU A 55 -18.58 7.68 -7.83
CA GLU A 55 -17.33 6.91 -7.78
C GLU A 55 -17.42 5.70 -6.88
N MET A 56 -16.75 4.66 -7.36
CA MET A 56 -16.69 3.36 -6.71
C MET A 56 -15.57 3.40 -5.70
N VAL A 57 -15.73 2.59 -4.66
CA VAL A 57 -14.94 2.73 -3.45
C VAL A 57 -14.89 1.39 -2.73
N ALA A 58 -13.93 1.22 -1.83
CA ALA A 58 -13.91 0.03 -0.99
C ALA A 58 -13.94 0.48 0.45
N ILE A 59 -14.66 -0.26 1.27
CA ILE A 59 -14.91 0.12 2.65
C ILE A 59 -14.41 -1.02 3.51
N LYS A 60 -13.35 -0.76 4.28
CA LYS A 60 -12.89 -1.71 5.28
C LYS A 60 -13.75 -1.49 6.50
N ILE A 61 -14.44 -2.53 6.96
CA ILE A 61 -15.36 -2.41 8.11
C ILE A 61 -14.83 -3.21 9.32
N MET A 62 -14.44 -2.51 10.38
CA MET A 62 -13.87 -3.18 11.57
C MET A 62 -14.88 -3.37 12.69
N ASP A 63 -14.55 -4.26 13.63
CA ASP A 63 -15.27 -4.36 14.90
C ASP A 63 -14.31 -3.91 16.01
N LYS A 64 -14.67 -2.83 16.71
CA LYS A 64 -13.86 -2.32 17.83
C LYS A 64 -13.78 -3.36 18.97
N ASN A 65 -14.84 -4.17 19.09
CA ASN A 65 -14.93 -5.25 20.07
C ASN A 65 -13.98 -6.43 19.78
N THR A 66 -13.57 -6.58 18.52
CA THR A 66 -12.51 -7.51 18.13
C THR A 66 -11.14 -6.91 18.40
N LEU A 67 -10.97 -5.62 18.07
CA LEU A 67 -9.71 -4.92 18.30
C LEU A 67 -9.31 -4.90 19.76
N GLY A 68 -10.26 -4.60 20.65
CA GLY A 68 -9.97 -4.39 22.07
C GLY A 68 -8.97 -3.25 22.16
N SER A 69 -7.78 -3.56 22.68
CA SER A 69 -6.65 -2.63 22.64
C SER A 69 -5.76 -2.93 21.43
N ASP A 70 -6.38 -2.98 20.25
CA ASP A 70 -5.70 -2.80 18.98
C ASP A 70 -6.22 -1.53 18.30
N LEU A 71 -7.00 -0.73 19.02
CA LEU A 71 -7.31 0.63 18.57
C LEU A 71 -5.99 1.36 18.22
N PRO A 72 -5.03 1.43 19.18
CA PRO A 72 -3.70 1.96 18.83
C PRO A 72 -3.18 1.49 17.46
N ARG A 73 -3.25 0.18 17.21
CA ARG A 73 -2.75 -0.45 15.98
C ARG A 73 -3.40 0.16 14.71
N ILE A 74 -4.66 0.57 14.84
CA ILE A 74 -5.44 1.13 13.73
C ILE A 74 -5.41 2.67 13.67
N LYS A 75 -5.36 3.31 14.82
CA LYS A 75 -5.38 4.77 14.86
C LYS A 75 -4.04 5.35 14.38
N THR A 76 -2.95 4.63 14.67
CA THR A 76 -1.61 4.96 14.15
C THR A 76 -1.50 4.60 12.66
N GLU A 77 -2.33 3.66 12.20
CA GLU A 77 -2.44 3.37 10.77
C GLU A 77 -3.13 4.55 10.09
N ILE A 78 -4.22 5.01 10.67
CA ILE A 78 -5.06 6.03 10.04
C ILE A 78 -4.33 7.36 9.94
N GLU A 79 -3.66 7.76 11.02
CA GLU A 79 -2.84 8.96 10.99
C GLU A 79 -1.69 8.79 9.99
N ALA A 80 -1.12 7.60 9.92
CA ALA A 80 -0.15 7.29 8.86
C ALA A 80 -0.75 7.56 7.49
N LEU A 81 -1.86 6.90 7.18
CA LEU A 81 -2.50 7.06 5.86
C LEU A 81 -2.94 8.48 5.55
N LYS A 82 -3.33 9.24 6.59
CA LYS A 82 -3.76 10.63 6.39
C LYS A 82 -2.61 11.45 5.85
N ASN A 83 -1.39 11.02 6.15
CA ASN A 83 -0.18 11.71 5.74
C ASN A 83 0.41 11.16 4.46
N LEU A 84 -0.26 10.23 3.80
CA LEU A 84 0.29 9.68 2.56
C LEU A 84 -0.53 9.94 1.30
N ARG A 85 0.17 10.27 0.21
CA ARG A 85 -0.46 10.42 -1.08
C ARG A 85 0.49 10.04 -2.20
N HIS A 86 0.32 8.83 -2.70
CA HIS A 86 1.20 8.33 -3.73
C HIS A 86 0.37 7.51 -4.72
N GLN A 87 0.77 7.58 -6.00
CA GLN A 87 0.16 6.83 -7.11
C GLN A 87 0.13 5.29 -6.91
N HIS A 88 1.01 4.77 -6.03
CA HIS A 88 1.15 3.33 -5.75
C HIS A 88 0.90 3.00 -4.27
N ILE A 89 0.19 3.90 -3.57
CA ILE A 89 -0.33 3.61 -2.24
C ILE A 89 -1.81 3.87 -2.25
N CYS A 90 -2.56 2.87 -1.80
CA CYS A 90 -4.00 2.96 -1.71
C CYS A 90 -4.42 4.21 -0.96
N GLN A 91 -5.25 5.03 -1.61
CA GLN A 91 -5.65 6.34 -1.06
C GLN A 91 -6.75 6.13 -0.01
N LEU A 92 -6.62 6.84 1.10
CA LEU A 92 -7.65 6.88 2.15
C LEU A 92 -8.52 8.09 1.87
N TYR A 93 -9.83 7.88 1.77
CA TYR A 93 -10.78 8.94 1.47
C TYR A 93 -11.53 9.50 2.68
N HIS A 94 -11.82 8.63 3.64
CA HIS A 94 -12.90 8.87 4.64
C HIS A 94 -12.70 7.95 5.82
N VAL A 95 -12.84 8.48 7.03
CA VAL A 95 -12.98 7.65 8.20
C VAL A 95 -14.25 8.01 8.93
N LEU A 96 -14.93 7.00 9.43
CA LEU A 96 -16.13 7.21 10.21
C LEU A 96 -16.12 6.27 11.41
N GLU A 97 -16.33 6.83 12.60
CA GLU A 97 -16.38 6.04 13.82
C GLU A 97 -17.78 6.14 14.42
N THR A 98 -18.46 4.99 14.51
CA THR A 98 -19.76 4.91 15.19
C THR A 98 -19.52 4.26 16.55
N ALA A 99 -20.58 3.96 17.26
CA ALA A 99 -20.46 3.50 18.65
C ALA A 99 -19.52 2.29 18.78
N ASN A 100 -19.55 1.40 17.81
CA ASN A 100 -18.73 0.19 17.88
C ASN A 100 -18.37 -0.36 16.50
N LYS A 101 -18.11 0.54 15.56
CA LYS A 101 -17.56 0.21 14.24
C LYS A 101 -16.59 1.29 13.84
N ILE A 102 -15.53 0.92 13.15
CA ILE A 102 -14.68 1.89 12.43
C ILE A 102 -14.69 1.57 10.93
N PHE A 103 -15.02 2.59 10.11
CA PHE A 103 -15.14 2.44 8.66
C PHE A 103 -14.02 3.23 7.96
N MET A 104 -13.20 2.53 7.17
CA MET A 104 -12.19 3.19 6.34
C MET A 104 -12.67 3.05 4.91
N VAL A 105 -12.85 4.19 4.26
CA VAL A 105 -13.18 4.19 2.84
C VAL A 105 -11.88 4.39 2.04
N LEU A 106 -11.68 3.48 1.10
CA LEU A 106 -10.41 3.34 0.44
C LEU A 106 -10.53 3.29 -1.10
N GLU A 107 -9.42 3.60 -1.76
CA GLU A 107 -9.32 3.51 -3.21
C GLU A 107 -9.73 2.09 -3.64
N TYR A 108 -10.68 2.06 -4.60
CA TYR A 108 -11.14 0.86 -5.26
C TYR A 108 -10.02 0.32 -6.16
N CYS A 109 -9.59 -0.94 -5.95
CA CYS A 109 -8.55 -1.60 -6.79
C CYS A 109 -9.08 -2.90 -7.36
N PRO A 110 -9.72 -2.82 -8.54
CA PRO A 110 -10.38 -3.95 -9.21
C PRO A 110 -9.51 -4.82 -10.13
N GLY A 111 -8.19 -4.62 -10.06
CA GLY A 111 -7.23 -5.38 -10.86
C GLY A 111 -6.93 -6.76 -10.28
N GLY A 112 -7.23 -6.95 -9.01
CA GLY A 112 -6.90 -8.19 -8.34
C GLY A 112 -5.66 -8.09 -7.47
N GLU A 113 -5.25 -9.24 -6.96
CA GLU A 113 -4.26 -9.36 -5.91
C GLU A 113 -2.91 -9.62 -6.55
N LEU A 114 -1.82 -9.20 -5.89
CA LEU A 114 -0.47 -9.52 -6.39
C LEU A 114 -0.18 -10.98 -6.18
N PHE A 115 -0.48 -11.46 -4.97
CA PHE A 115 -0.27 -12.85 -4.55
C PHE A 115 -0.93 -13.82 -5.51
N ASP A 116 -2.23 -13.65 -5.67
CA ASP A 116 -3.01 -14.55 -6.53
C ASP A 116 -2.53 -14.49 -7.96
N TYR A 117 -2.06 -13.31 -8.38
CA TYR A 117 -1.48 -13.15 -9.72
C TYR A 117 -0.29 -14.07 -9.81
N ILE A 118 0.59 -13.98 -8.81
CA ILE A 118 1.80 -14.77 -8.80
C ILE A 118 1.49 -16.26 -8.92
N ILE A 119 0.64 -16.81 -8.04
CA ILE A 119 0.21 -18.23 -8.13
C ILE A 119 -0.50 -18.57 -9.47
N SER A 120 -1.31 -17.67 -10.02
CA SER A 120 -1.97 -17.93 -11.32
C SER A 120 -0.97 -18.06 -12.49
N GLN A 121 0.12 -17.29 -12.45
CA GLN A 121 1.21 -17.36 -13.43
C GLN A 121 2.33 -18.34 -13.02
N ASP A 122 2.17 -19.07 -11.91
CA ASP A 122 3.30 -19.77 -11.22
C ASP A 122 4.48 -18.84 -10.84
N ARG A 123 5.07 -18.19 -11.82
CA ARG A 123 6.00 -17.12 -11.54
C ARG A 123 6.05 -16.13 -12.70
N LEU A 124 6.38 -14.88 -12.39
CA LEU A 124 6.36 -13.83 -13.40
C LEU A 124 7.69 -13.78 -14.14
N SER A 125 7.66 -13.41 -15.41
CA SER A 125 8.88 -13.28 -16.21
C SER A 125 9.81 -12.35 -15.43
N GLU A 126 11.12 -12.41 -15.65
CA GLU A 126 12.05 -11.42 -15.03
C GLU A 126 11.67 -9.97 -15.42
N GLU A 127 11.23 -9.79 -16.65
CA GLU A 127 10.96 -8.45 -17.10
C GLU A 127 9.64 -7.94 -16.55
N GLU A 128 8.63 -8.82 -16.37
CA GLU A 128 7.41 -8.44 -15.57
C GLU A 128 7.69 -8.22 -14.07
N THR A 129 8.54 -9.02 -13.44
CA THR A 129 8.81 -8.76 -12.00
C THR A 129 9.49 -7.37 -11.85
N ARG A 130 10.41 -7.07 -12.76
CA ARG A 130 11.12 -5.79 -12.74
C ARG A 130 10.15 -4.60 -12.80
N VAL A 131 9.23 -4.61 -13.77
CA VAL A 131 8.23 -3.52 -13.93
C VAL A 131 7.43 -3.30 -12.66
N VAL A 132 7.10 -4.39 -12.00
CA VAL A 132 6.32 -4.35 -10.78
C VAL A 132 7.14 -3.97 -9.57
N PHE A 133 8.31 -4.56 -9.44
CA PHE A 133 9.16 -4.25 -8.31
C PHE A 133 9.42 -2.78 -8.27
N ARG A 134 9.61 -2.19 -9.44
CA ARG A 134 9.88 -0.77 -9.51
C ARG A 134 8.71 0.03 -8.94
N GLN A 135 7.52 -0.54 -9.02
CA GLN A 135 6.39 0.11 -8.42
C GLN A 135 6.47 -0.03 -6.90
N ILE A 136 6.93 -1.16 -6.42
CA ILE A 136 6.94 -1.41 -4.97
C ILE A 136 7.97 -0.48 -4.41
N VAL A 137 9.16 -0.60 -4.94
CA VAL A 137 10.23 0.33 -4.60
C VAL A 137 9.84 1.82 -4.62
N SER A 138 9.01 2.22 -5.58
CA SER A 138 8.54 3.60 -5.65
C SER A 138 7.75 3.95 -4.39
N ALA A 139 6.78 3.09 -4.03
CA ALA A 139 5.87 3.30 -2.89
C ALA A 139 6.62 3.40 -1.57
N VAL A 140 7.53 2.47 -1.39
CA VAL A 140 8.20 2.28 -0.14
C VAL A 140 9.21 3.41 0.05
N ALA A 141 9.89 3.79 -1.05
CA ALA A 141 10.86 4.90 -0.96
C ALA A 141 10.15 6.19 -0.53
N TYR A 142 9.04 6.51 -1.19
CA TYR A 142 8.17 7.58 -0.71
C TYR A 142 7.73 7.43 0.76
N VAL A 143 7.36 6.22 1.19
CA VAL A 143 6.94 6.03 2.60
C VAL A 143 8.07 6.51 3.53
N HIS A 144 9.30 6.12 3.21
CA HIS A 144 10.43 6.39 4.07
C HIS A 144 10.76 7.87 4.14
N SER A 145 10.53 8.55 3.02
CA SER A 145 10.86 9.97 2.90
C SER A 145 9.98 10.78 3.81
N GLN A 146 8.73 10.32 3.96
CA GLN A 146 7.72 10.90 4.86
C GLN A 146 7.92 10.52 6.32
N GLY A 147 8.92 9.68 6.61
CA GLY A 147 9.27 9.35 8.00
C GLY A 147 8.67 8.07 8.56
N TYR A 148 8.22 7.15 7.69
CA TYR A 148 7.65 5.89 8.14
C TYR A 148 8.38 4.71 7.50
N ALA A 149 8.04 3.52 7.97
CA ALA A 149 8.44 2.25 7.37
C ALA A 149 7.15 1.43 7.29
N HIS A 150 6.99 0.60 6.26
CA HIS A 150 5.78 -0.23 6.18
C HIS A 150 5.82 -1.36 7.21
N ARG A 151 6.98 -2.02 7.29
CA ARG A 151 7.28 -3.10 8.25
C ARG A 151 6.41 -4.35 8.10
N ASP A 152 5.74 -4.49 6.98
CA ASP A 152 5.13 -5.74 6.63
C ASP A 152 4.79 -5.81 5.15
N LEU A 153 5.82 -5.81 4.33
CA LEU A 153 5.66 -5.91 2.90
C LEU A 153 5.42 -7.36 2.52
N LYS A 154 4.47 -7.57 1.63
CA LYS A 154 4.21 -8.90 1.17
C LYS A 154 3.22 -8.89 0.04
N PRO A 155 3.16 -10.00 -0.72
CA PRO A 155 2.25 -10.10 -1.85
C PRO A 155 0.81 -9.83 -1.46
N GLU A 156 0.40 -10.31 -0.29
CA GLU A 156 -0.99 -10.17 0.15
C GLU A 156 -1.33 -8.67 0.40
N ASN A 157 -0.30 -7.82 0.49
CA ASN A 157 -0.48 -6.37 0.69
C ASN A 157 -0.37 -5.52 -0.57
N LEU A 158 -0.29 -6.16 -1.73
CA LEU A 158 -0.20 -5.39 -2.95
C LEU A 158 -1.39 -5.73 -3.81
N LEU A 159 -2.11 -4.69 -4.22
CA LEU A 159 -3.25 -4.86 -5.08
C LEU A 159 -2.95 -4.22 -6.43
N PHE A 160 -3.75 -4.56 -7.42
CA PHE A 160 -3.64 -4.03 -8.74
C PHE A 160 -4.86 -3.18 -9.00
N ASP A 161 -4.68 -2.01 -9.60
CA ASP A 161 -5.86 -1.32 -10.18
C ASP A 161 -6.20 -1.85 -11.58
N GLU A 162 -7.16 -1.23 -12.24
CA GLU A 162 -7.62 -1.69 -13.55
C GLU A 162 -6.56 -1.52 -14.68
N TYR A 163 -5.55 -0.68 -14.47
CA TYR A 163 -4.41 -0.56 -15.39
C TYR A 163 -3.24 -1.43 -14.95
N HIS A 164 -3.50 -2.38 -14.06
CA HIS A 164 -2.47 -3.32 -13.57
C HIS A 164 -1.25 -2.59 -12.96
N LYS A 165 -1.52 -1.46 -12.32
CA LYS A 165 -0.54 -0.70 -11.53
C LYS A 165 -0.73 -1.07 -10.05
N LEU A 166 0.34 -1.12 -9.27
CA LEU A 166 0.26 -1.67 -7.90
C LEU A 166 -0.19 -0.62 -6.93
N LYS A 167 -1.09 -1.00 -6.03
CA LYS A 167 -1.44 -0.18 -4.90
C LYS A 167 -1.07 -0.88 -3.59
N LEU A 168 -0.10 -0.31 -2.88
CA LEU A 168 0.27 -0.80 -1.52
C LEU A 168 -0.83 -0.46 -0.52
N ILE A 169 -1.31 -1.48 0.17
CA ILE A 169 -2.34 -1.32 1.16
C ILE A 169 -1.85 -1.71 2.57
N ASP A 170 -2.76 -1.56 3.53
CA ASP A 170 -2.75 -2.25 4.82
C ASP A 170 -1.51 -1.94 5.67
N PHE A 171 -1.51 -0.78 6.31
CA PHE A 171 -0.29 -0.34 6.97
C PHE A 171 -0.02 -1.04 8.30
N GLY A 172 -0.91 -0.80 9.27
CA GLY A 172 -1.04 -1.66 10.47
C GLY A 172 0.15 -1.57 11.40
N LEU A 173 1.35 -1.68 10.81
CA LEU A 173 2.64 -1.53 11.48
C LEU A 173 3.41 -0.33 10.92
N CYS A 189 1.10 -10.19 13.66
CA CYS A 189 1.09 -11.58 14.11
C CYS A 189 2.35 -12.30 13.61
N GLY A 190 2.29 -12.83 12.39
CA GLY A 190 3.35 -13.71 11.88
C GLY A 190 3.51 -13.75 10.38
N SER A 191 4.16 -12.72 9.83
CA SER A 191 4.76 -12.81 8.52
C SER A 191 6.26 -13.04 8.75
N LEU A 192 6.60 -13.97 9.65
CA LEU A 192 8.01 -14.31 9.92
C LEU A 192 8.79 -14.59 8.63
N ALA A 193 8.13 -15.24 7.67
CA ALA A 193 8.69 -15.48 6.35
C ALA A 193 9.38 -14.24 5.76
N TYR A 194 8.72 -13.09 5.93
CA TYR A 194 9.15 -11.82 5.37
C TYR A 194 9.90 -10.94 6.36
N ALA A 195 10.16 -11.44 7.56
CA ALA A 195 10.74 -10.60 8.61
C ALA A 195 12.25 -10.67 8.59
N ALA A 196 12.88 -9.53 8.85
CA ALA A 196 14.32 -9.40 8.78
C ALA A 196 14.85 -10.06 10.02
N PRO A 197 16.11 -10.51 9.97
CA PRO A 197 16.67 -11.29 11.04
C PRO A 197 16.81 -10.51 12.32
N GLU A 198 17.11 -9.20 12.20
CA GLU A 198 17.39 -8.37 13.38
C GLU A 198 16.10 -7.86 13.98
N LEU A 199 15.08 -7.81 13.15
CA LEU A 199 13.72 -7.60 13.58
C LEU A 199 13.36 -8.86 14.37
N ILE A 200 13.48 -10.00 13.69
CA ILE A 200 13.16 -11.31 14.25
C ILE A 200 13.62 -11.36 15.69
N GLN A 201 14.93 -11.18 15.91
CA GLN A 201 15.54 -11.40 17.23
C GLN A 201 15.58 -10.18 18.18
N GLY A 202 14.50 -9.40 18.24
CA GLY A 202 14.38 -8.30 19.23
C GLY A 202 15.51 -7.28 19.29
N LYS A 203 16.37 -7.30 18.29
CA LYS A 203 17.49 -6.37 18.18
C LYS A 203 16.90 -4.99 17.79
N SER A 204 17.63 -3.91 18.07
CA SER A 204 17.25 -2.58 17.56
C SER A 204 17.55 -2.54 16.06
N TYR A 205 16.83 -1.70 15.32
CA TYR A 205 16.77 -1.83 13.88
C TYR A 205 16.26 -0.56 13.23
N LEU A 206 16.56 -0.40 11.94
CA LEU A 206 15.94 0.66 11.15
C LEU A 206 14.80 0.06 10.32
N GLY A 207 13.61 0.65 10.45
CA GLY A 207 12.46 0.22 9.66
C GLY A 207 12.83 0.07 8.20
N SER A 208 13.53 1.06 7.66
CA SER A 208 13.87 1.04 6.23
C SER A 208 14.73 -0.16 5.89
N GLU A 209 15.71 -0.44 6.74
CA GLU A 209 16.57 -1.59 6.47
C GLU A 209 15.73 -2.85 6.61
N ALA A 210 14.72 -2.81 7.48
CA ALA A 210 13.81 -3.95 7.63
C ALA A 210 13.06 -4.16 6.32
N ASP A 211 12.45 -3.07 5.84
CA ASP A 211 11.64 -3.11 4.63
C ASP A 211 12.44 -3.69 3.45
N VAL A 212 13.65 -3.19 3.21
CA VAL A 212 14.48 -3.70 2.10
C VAL A 212 14.69 -5.23 2.22
N TRP A 213 14.90 -5.73 3.43
CA TRP A 213 14.91 -7.18 3.61
C TRP A 213 13.63 -7.76 2.95
N SER A 214 12.48 -7.39 3.48
CA SER A 214 11.19 -7.87 3.00
C SER A 214 10.98 -7.69 1.50
N MET A 215 11.52 -6.60 0.94
CA MET A 215 11.46 -6.45 -0.51
C MET A 215 12.29 -7.51 -1.20
N GLY A 216 13.43 -7.86 -0.61
CA GLY A 216 14.24 -8.97 -1.11
C GLY A 216 13.46 -10.27 -1.19
N ILE A 217 12.63 -10.53 -0.18
CA ILE A 217 11.87 -11.80 -0.11
C ILE A 217 10.79 -11.80 -1.19
N LEU A 218 10.05 -10.69 -1.25
CA LEU A 218 9.08 -10.43 -2.29
C LEU A 218 9.61 -10.66 -3.69
N LEU A 219 10.75 -10.01 -3.99
CA LEU A 219 11.45 -10.17 -5.27
C LEU A 219 11.65 -11.65 -5.53
N TYR A 220 12.34 -12.32 -4.60
CA TYR A 220 12.48 -13.76 -4.70
C TYR A 220 11.16 -14.46 -5.11
N VAL A 221 10.03 -14.11 -4.51
CA VAL A 221 8.85 -14.94 -4.73
C VAL A 221 8.16 -14.53 -6.05
N LEU A 222 8.52 -13.36 -6.60
CA LEU A 222 7.93 -12.91 -7.87
C LEU A 222 8.56 -13.69 -8.99
N MET A 223 9.85 -13.92 -8.81
CA MET A 223 10.66 -14.56 -9.84
C MET A 223 10.68 -16.07 -9.75
N CYS A 224 10.40 -16.64 -8.55
CA CYS A 224 10.43 -18.10 -8.31
C CYS A 224 9.06 -18.76 -8.07
N GLY A 225 8.16 -18.03 -7.43
CA GLY A 225 6.85 -18.54 -7.04
C GLY A 225 6.78 -19.28 -5.70
N PHE A 226 7.85 -19.22 -4.91
CA PHE A 226 7.85 -19.76 -3.55
C PHE A 226 8.84 -19.03 -2.67
N LEU A 227 8.71 -19.21 -1.37
CA LEU A 227 9.47 -18.41 -0.40
C LEU A 227 10.91 -18.88 -0.35
N PRO A 228 11.87 -17.94 -0.23
CA PRO A 228 13.27 -18.35 -0.08
C PRO A 228 13.56 -19.16 1.20
N PHE A 229 12.84 -18.89 2.29
CA PHE A 229 12.99 -19.64 3.54
C PHE A 229 11.66 -20.23 3.92
N ASP A 230 11.64 -21.50 4.31
CA ASP A 230 10.39 -22.20 4.55
C ASP A 230 10.56 -23.41 5.44
N ASP A 231 9.56 -23.71 6.28
CA ASP A 231 9.46 -24.98 7.04
C ASP A 231 8.06 -25.14 7.71
N ASP A 232 7.84 -26.24 8.41
CA ASP A 232 6.52 -26.59 8.97
C ASP A 232 6.20 -25.75 10.21
N THR A 233 7.08 -25.83 11.20
CA THR A 233 6.94 -25.07 12.42
C THR A 233 7.61 -23.73 12.23
N ALA A 234 7.37 -22.83 13.18
CA ALA A 234 7.97 -21.49 13.18
C ALA A 234 9.48 -21.54 13.50
N ALA A 235 9.90 -22.51 14.32
CA ALA A 235 11.27 -22.56 14.82
C ALA A 235 12.29 -22.92 13.74
N ALA A 236 11.98 -23.93 12.93
CA ALA A 236 12.85 -24.31 11.82
C ALA A 236 12.87 -23.21 10.73
N LEU A 237 11.80 -22.41 10.67
CA LEU A 237 11.74 -21.27 9.75
C LEU A 237 12.71 -20.16 10.17
N VAL A 238 12.68 -19.82 11.45
CA VAL A 238 13.51 -18.75 12.01
C VAL A 238 15.00 -19.09 11.90
N ALA A 239 15.31 -20.36 12.17
CA ALA A 239 16.66 -20.90 12.03
C ALA A 239 17.19 -20.67 10.63
N LYS A 240 16.36 -20.94 9.62
CA LYS A 240 16.76 -20.79 8.20
C LYS A 240 17.06 -19.34 7.86
N ILE A 241 16.22 -18.43 8.37
CA ILE A 241 16.42 -16.98 8.14
C ILE A 241 17.76 -16.54 8.72
N MET A 242 17.99 -16.86 9.99
CA MET A 242 19.22 -16.44 10.66
C MET A 242 20.49 -16.89 9.91
N ARG A 243 20.46 -18.07 9.27
CA ARG A 243 21.61 -18.53 8.45
C ARG A 243 21.70 -17.79 7.12
N GLY A 244 20.54 -17.42 6.57
CA GLY A 244 20.49 -16.45 5.46
C GLY A 244 20.82 -16.96 4.07
N LYS A 245 20.83 -18.29 3.88
CA LYS A 245 21.10 -18.86 2.56
C LYS A 245 19.96 -19.78 2.05
N TYR A 246 19.78 -19.75 0.74
CA TYR A 246 18.52 -20.13 0.11
C TYR A 246 18.79 -20.79 -1.24
N ASP A 247 17.82 -21.57 -1.71
CA ASP A 247 17.96 -22.25 -2.99
C ASP A 247 17.82 -21.21 -4.08
N VAL A 248 18.57 -21.41 -5.17
CA VAL A 248 18.72 -20.38 -6.21
C VAL A 248 18.41 -20.95 -7.60
N PRO A 249 17.11 -21.17 -7.90
CA PRO A 249 16.63 -21.88 -9.12
C PRO A 249 17.44 -21.62 -10.39
N LYS A 250 17.53 -22.62 -11.25
CA LYS A 250 18.30 -22.48 -12.47
C LYS A 250 17.93 -21.22 -13.28
N TRP A 251 16.66 -20.83 -13.26
CA TRP A 251 16.20 -19.78 -14.16
C TRP A 251 16.60 -18.36 -13.75
N LEU A 252 17.10 -18.18 -12.54
CA LEU A 252 17.50 -16.82 -12.11
C LEU A 252 18.76 -16.33 -12.85
N SER A 253 18.70 -15.11 -13.38
CA SER A 253 19.82 -14.51 -14.11
C SER A 253 20.93 -14.04 -13.17
N PRO A 254 22.18 -13.98 -13.66
CA PRO A 254 23.32 -13.43 -12.92
C PRO A 254 23.02 -12.11 -12.21
N SER A 255 22.31 -11.21 -12.87
CA SER A 255 21.94 -9.96 -12.25
C SER A 255 20.90 -10.21 -11.16
N SER A 256 19.87 -11.02 -11.44
CA SER A 256 18.85 -11.33 -10.41
C SER A 256 19.49 -11.93 -9.15
N ILE A 257 20.31 -12.95 -9.35
CA ILE A 257 21.05 -13.62 -8.28
C ILE A 257 21.90 -12.61 -7.47
N LEU A 258 22.59 -11.71 -8.17
CA LEU A 258 23.26 -10.58 -7.52
C LEU A 258 22.34 -9.78 -6.56
N LEU A 259 21.34 -9.09 -7.10
CA LEU A 259 20.48 -8.18 -6.30
C LEU A 259 19.83 -8.86 -5.11
N LEU A 260 19.44 -10.12 -5.26
CA LEU A 260 18.94 -10.90 -4.13
C LEU A 260 19.93 -10.90 -2.98
N GLN A 261 21.20 -11.18 -3.33
CA GLN A 261 22.28 -11.22 -2.35
C GLN A 261 22.44 -9.92 -1.58
N GLN A 262 22.26 -8.78 -2.27
CA GLN A 262 22.54 -7.48 -1.68
C GLN A 262 21.40 -7.05 -0.80
N MET A 263 20.19 -7.48 -1.18
CA MET A 263 18.99 -7.17 -0.42
C MET A 263 18.89 -8.10 0.78
N LEU A 264 19.03 -9.41 0.53
CA LEU A 264 18.92 -10.42 1.57
C LEU A 264 20.17 -10.65 2.45
N GLN A 265 21.02 -9.65 2.63
CA GLN A 265 22.10 -9.73 3.66
C GLN A 265 21.53 -9.83 5.09
N VAL A 266 22.01 -10.79 5.85
CA VAL A 266 21.69 -10.88 7.27
C VAL A 266 22.17 -9.61 7.98
N ASP A 267 23.45 -9.29 7.85
CA ASP A 267 24.01 -8.11 8.52
C ASP A 267 23.35 -6.87 7.92
N PRO A 268 22.55 -6.14 8.71
CA PRO A 268 21.91 -4.96 8.10
C PRO A 268 22.87 -3.82 7.66
N LYS A 269 24.11 -3.78 8.20
CA LYS A 269 25.21 -2.90 7.68
C LYS A 269 25.42 -3.15 6.18
N LYS A 270 25.55 -4.44 5.84
CA LYS A 270 25.78 -4.90 4.47
C LYS A 270 24.53 -4.86 3.49
N ARG A 271 23.30 -4.77 4.01
CA ARG A 271 22.13 -4.63 3.10
C ARG A 271 22.16 -3.33 2.31
N ILE A 272 21.60 -3.41 1.11
CA ILE A 272 21.55 -2.30 0.20
C ILE A 272 20.59 -1.26 0.75
N SER A 273 21.01 0.01 0.73
CA SER A 273 20.16 1.16 1.08
C SER A 273 19.07 1.35 0.05
N MET A 274 17.99 2.03 0.44
CA MET A 274 16.99 2.46 -0.55
C MET A 274 17.71 3.29 -1.60
N LYS A 275 18.58 4.16 -1.11
CA LYS A 275 19.31 5.09 -1.94
C LYS A 275 19.84 4.30 -3.12
N ASN A 276 20.56 3.22 -2.83
CA ASN A 276 21.15 2.39 -3.87
C ASN A 276 20.14 1.53 -4.64
N LEU A 277 19.04 1.12 -4.01
CA LEU A 277 18.07 0.33 -4.74
C LEU A 277 17.51 1.11 -5.92
N LEU A 278 17.10 2.35 -5.68
CA LEU A 278 16.46 3.24 -6.67
C LEU A 278 17.07 3.27 -8.06
N ASN A 279 18.36 2.97 -8.14
CA ASN A 279 19.06 2.99 -9.39
C ASN A 279 20.06 1.83 -9.52
N HIS A 280 19.70 0.70 -8.95
CA HIS A 280 20.45 -0.51 -9.11
C HIS A 280 20.39 -0.99 -10.59
N PRO A 281 21.53 -1.39 -11.18
CA PRO A 281 21.56 -1.83 -12.59
C PRO A 281 20.46 -2.84 -12.96
N TRP A 282 20.29 -3.87 -12.14
CA TRP A 282 19.12 -4.74 -12.34
C TRP A 282 17.84 -3.94 -12.42
N ILE A 283 17.64 -3.03 -11.47
CA ILE A 283 16.41 -2.19 -11.46
C ILE A 283 16.23 -1.49 -12.80
N MET A 284 17.33 -0.98 -13.34
CA MET A 284 17.33 -0.21 -14.57
C MET A 284 17.71 -1.00 -15.82
N GLN A 285 17.96 -2.30 -15.68
CA GLN A 285 18.30 -3.15 -16.81
C GLN A 285 17.39 -3.01 -18.06
N ASP A 286 16.08 -2.79 -17.89
CA ASP A 286 15.12 -2.70 -19.04
C ASP A 286 14.63 -1.29 -19.38
N TYR A 287 14.18 -0.53 -18.37
CA TYR A 287 13.89 0.90 -18.52
C TYR A 287 15.05 1.61 -17.81
N ASN A 288 15.86 2.35 -18.56
CA ASN A 288 17.16 2.79 -18.08
C ASN A 288 17.08 4.14 -17.42
N TYR A 289 16.18 4.25 -16.46
CA TYR A 289 15.94 5.46 -15.64
C TYR A 289 15.73 5.07 -14.18
N PRO A 290 16.26 5.87 -13.25
CA PRO A 290 16.00 5.54 -11.85
C PRO A 290 14.50 5.49 -11.55
N VAL A 291 14.15 4.72 -10.52
CA VAL A 291 12.81 4.72 -10.01
C VAL A 291 12.41 6.12 -9.55
N GLU A 292 11.21 6.53 -9.95
CA GLU A 292 10.71 7.86 -9.68
C GLU A 292 9.75 7.67 -8.52
N TRP A 293 10.28 7.85 -7.32
CA TRP A 293 9.54 7.60 -6.07
C TRP A 293 8.68 8.74 -5.59
N GLN A 294 9.01 9.97 -5.97
CA GLN A 294 8.32 11.17 -5.44
CA GLN A 294 8.32 11.17 -5.44
C GLN A 294 6.88 11.10 -5.84
N SER A 295 6.00 11.60 -4.99
CA SER A 295 4.59 11.49 -5.29
C SER A 295 4.33 12.20 -6.61
N LYS A 296 3.76 11.48 -7.58
CA LYS A 296 3.44 12.04 -8.90
C LYS A 296 2.12 12.80 -8.86
N ASN A 297 1.34 12.60 -7.79
CA ASN A 297 0.04 13.32 -7.60
C ASN A 297 -0.04 14.26 -6.39
N PRO A 298 1.00 15.11 -6.15
CA PRO A 298 1.11 15.75 -4.82
C PRO A 298 -0.08 16.66 -4.52
N PHE A 299 -0.34 16.89 -3.24
CA PHE A 299 -1.56 17.61 -2.84
C PHE A 299 -1.52 19.13 -2.95
N ILE A 300 -0.39 19.71 -3.37
CA ILE A 300 -0.19 21.19 -3.40
C ILE A 300 -1.47 22.05 -3.16
N HIS A 301 -1.88 22.85 -4.15
CA HIS A 301 -3.07 23.66 -3.97
C HIS A 301 -4.33 22.81 -4.03
N LEU A 302 -5.43 23.43 -3.65
CA LEU A 302 -6.76 22.85 -3.82
C LEU A 302 -7.16 23.01 -5.31
N ASP A 303 -7.88 22.05 -5.86
CA ASP A 303 -8.24 22.13 -7.26
C ASP A 303 -9.52 22.99 -7.39
N ASP A 304 -9.39 24.11 -8.10
CA ASP A 304 -10.50 25.08 -8.27
C ASP A 304 -11.86 24.48 -8.68
N ASP A 305 -11.84 23.57 -9.65
CA ASP A 305 -13.06 23.02 -10.16
C ASP A 305 -13.80 22.27 -9.09
N CYS A 306 -13.08 21.36 -8.45
CA CYS A 306 -13.62 20.62 -7.34
C CYS A 306 -14.14 21.57 -6.25
N VAL A 307 -13.40 22.66 -6.05
CA VAL A 307 -13.77 23.60 -5.01
C VAL A 307 -15.01 24.36 -5.47
N THR A 308 -15.08 24.63 -6.76
CA THR A 308 -16.25 25.22 -7.37
C THR A 308 -17.49 24.33 -7.31
N GLU A 309 -17.39 23.08 -7.74
CA GLU A 309 -18.55 22.21 -7.62
C GLU A 309 -18.99 22.08 -6.14
N LEU A 310 -18.02 21.99 -5.24
CA LEU A 310 -18.32 21.80 -3.83
C LEU A 310 -18.93 23.05 -3.27
N SER A 311 -18.58 24.18 -3.87
CA SER A 311 -19.16 25.45 -3.48
C SER A 311 -20.64 25.60 -3.92
N VAL A 312 -20.97 25.31 -5.20
CA VAL A 312 -22.39 25.41 -5.63
C VAL A 312 -23.22 24.39 -4.83
N HIS A 313 -22.76 23.16 -4.78
CA HIS A 313 -23.46 22.12 -4.03
C HIS A 313 -23.74 22.50 -2.57
N HIS A 314 -22.77 23.08 -1.88
CA HIS A 314 -22.93 23.39 -0.47
C HIS A 314 -23.34 24.85 -0.36
N ARG A 315 -24.09 25.36 -1.35
CA ARG A 315 -24.54 26.75 -1.38
C ARG A 315 -23.76 27.61 -0.36
N ASN A 316 -22.41 27.67 -0.53
CA ASN A 316 -21.59 28.69 0.14
C ASN A 316 -20.34 29.11 -0.69
N ASN A 317 -19.65 30.19 -0.30
CA ASN A 317 -18.63 30.86 -1.14
C ASN A 317 -17.26 30.18 -1.18
N ARG A 318 -16.39 30.60 -2.10
CA ARG A 318 -15.10 29.94 -2.33
C ARG A 318 -14.14 29.91 -1.10
N GLN A 319 -13.85 31.07 -0.54
CA GLN A 319 -13.03 31.12 0.61
C GLN A 319 -13.51 30.12 1.66
N THR A 320 -14.79 30.20 2.05
CA THR A 320 -15.25 29.35 3.17
C THR A 320 -15.23 27.86 2.82
N MET A 321 -15.43 27.53 1.54
CA MET A 321 -15.30 26.13 1.08
C MET A 321 -13.85 25.66 1.11
N GLU A 322 -12.90 26.54 0.82
CA GLU A 322 -11.49 26.20 0.94
C GLU A 322 -11.14 25.99 2.39
N ASP A 323 -11.49 26.96 3.22
CA ASP A 323 -11.35 26.87 4.68
C ASP A 323 -11.85 25.54 5.26
N LEU A 324 -13.02 25.10 4.81
CA LEU A 324 -13.64 23.87 5.31
C LEU A 324 -12.94 22.58 4.87
N ILE A 325 -12.44 22.57 3.64
CA ILE A 325 -11.71 21.42 3.06
C ILE A 325 -10.30 21.36 3.63
N SER A 326 -9.70 22.55 3.81
CA SER A 326 -8.33 22.69 4.28
C SER A 326 -8.16 22.14 5.69
N LEU A 327 -9.26 22.05 6.43
CA LEU A 327 -9.24 21.42 7.74
C LEU A 327 -8.83 19.93 7.68
N TRP A 328 -8.89 19.33 6.50
CA TRP A 328 -8.50 17.92 6.22
C TRP A 328 -8.82 16.95 7.31
N GLN A 329 -10.12 16.87 7.59
CA GLN A 329 -10.63 15.95 8.60
C GLN A 329 -10.89 14.54 8.09
N TYR A 330 -10.73 14.27 6.80
CA TYR A 330 -11.10 12.93 6.31
C TYR A 330 -12.53 12.59 6.78
N ASP A 331 -13.42 13.57 6.73
CA ASP A 331 -14.84 13.35 6.96
C ASP A 331 -15.46 13.08 5.57
N HIS A 332 -16.76 13.31 5.39
CA HIS A 332 -17.43 13.13 4.11
C HIS A 332 -17.05 14.18 3.09
N LEU A 333 -16.79 15.40 3.55
CA LEU A 333 -16.39 16.43 2.61
C LEU A 333 -15.03 16.08 2.03
N THR A 334 -14.13 15.53 2.85
CA THR A 334 -12.79 15.17 2.37
C THR A 334 -12.84 14.01 1.34
N ALA A 335 -13.64 12.99 1.63
CA ALA A 335 -14.05 11.97 0.65
C ALA A 335 -14.55 12.61 -0.63
N THR A 336 -15.61 13.40 -0.53
CA THR A 336 -16.21 14.09 -1.71
C THR A 336 -15.21 14.90 -2.51
N TYR A 337 -14.28 15.54 -1.83
CA TYR A 337 -13.31 16.32 -2.53
C TYR A 337 -12.40 15.37 -3.28
N LEU A 338 -11.89 14.37 -2.56
CA LEU A 338 -10.81 13.52 -3.14
C LEU A 338 -11.36 12.80 -4.35
N LEU A 339 -12.59 12.30 -4.22
CA LEU A 339 -13.34 11.67 -5.33
C LEU A 339 -13.71 12.57 -6.54
N LEU A 340 -14.04 13.84 -6.34
CA LEU A 340 -14.19 14.74 -7.48
C LEU A 340 -12.85 14.94 -8.16
N LEU A 341 -11.80 15.01 -7.37
CA LEU A 341 -10.43 15.12 -7.93
C LEU A 341 -10.10 13.94 -8.85
N ALA A 342 -10.48 12.75 -8.40
CA ALA A 342 -10.29 11.51 -9.16
C ALA A 342 -11.21 11.44 -10.38
N LYS A 343 -12.40 12.00 -10.24
CA LYS A 343 -13.34 12.09 -11.34
C LYS A 343 -12.72 13.01 -12.39
N LYS A 344 -12.12 14.12 -11.96
CA LYS A 344 -11.56 15.09 -12.89
C LYS A 344 -10.32 14.56 -13.60
N ALA A 345 -9.56 13.69 -12.95
CA ALA A 345 -8.39 13.04 -13.60
C ALA A 345 -8.80 12.05 -14.71
N ARG A 346 -9.97 11.43 -14.56
CA ARG A 346 -10.56 10.58 -15.60
C ARG A 346 -11.14 11.40 -16.77
N GLY A 347 -11.13 12.73 -16.65
CA GLY A 347 -11.64 13.59 -17.70
C GLY A 347 -13.15 13.59 -17.73
N LYS A 348 -13.77 13.12 -16.65
CA LYS A 348 -15.22 13.21 -16.51
C LYS A 348 -15.56 14.60 -15.99
N PRO A 349 -16.80 15.08 -16.29
CA PRO A 349 -17.16 16.37 -15.75
C PRO A 349 -17.09 16.34 -14.22
N VAL A 350 -16.83 17.50 -13.65
CA VAL A 350 -16.59 17.61 -12.22
C VAL A 350 -17.90 18.00 -11.57
N ARG A 351 -18.75 17.02 -11.37
CA ARG A 351 -20.06 17.31 -10.87
C ARG A 351 -20.51 16.31 -9.84
N LEU A 352 -21.25 16.80 -8.86
CA LEU A 352 -22.03 15.98 -7.95
C LEU A 352 -23.40 15.81 -8.56
N ARG A 353 -24.10 14.77 -8.14
CA ARG A 353 -25.45 14.48 -8.65
C ARG A 353 -26.44 15.50 -8.10
C1 B5S B . -4.18 1.81 2.96
O2 B5S B . -5.01 0.91 2.24
C3 B5S B . -5.59 -0.13 2.92
C4 B5S B . -5.50 -0.30 4.30
C5 B5S B . -6.12 -1.40 4.89
O6 B5S B . -6.04 -1.57 6.24
C7 B5S B . -6.81 -2.31 4.12
C8 B5S B . -6.91 -2.14 2.74
N9 B5S B . -7.63 -3.11 1.99
C10 B5S B . -8.28 -3.09 0.73
C11 B5S B . -8.59 -1.91 0.05
C12 B5S B . -9.22 -1.94 -1.18
C13 B5S B . -9.56 -3.17 -1.76
C14 B5S B . -10.25 -3.14 -3.10
O15 B5S B . -10.51 -2.08 -3.67
N16 B5S B . -10.56 -4.37 -3.62
C17 B5S B . -11.35 -4.74 -4.73
C18 B5S B . -11.43 -6.11 -5.00
C19 B5S B . -12.19 -6.55 -6.06
C20 B5S B . -12.86 -5.67 -6.86
C21 B5S B . -12.79 -4.32 -6.61
C22 B5S B . -12.04 -3.85 -5.54
C23 B5S B . -9.25 -4.36 -1.08
O24 B5S B . -9.62 -5.51 -1.71
C25 B5S B . -9.70 -6.73 -0.95
C26 B5S B . -8.37 -7.47 -1.06
C27 B5S B . -7.85 -7.97 0.28
N28 B5S B . -8.88 -8.71 1.03
C32 B5S B . -8.62 -4.30 0.16
C33 B5S B . -6.28 -1.05 2.16
H1 B5S B . -4.71 2.30 3.60
H1A B5S B . -3.48 1.30 3.42
H1B B5S B . -3.76 2.44 2.33
H4 B5S B . -5.03 0.32 4.83
HO6 B5S B . -5.64 -0.99 6.57
H7 B5S B . -7.23 -3.05 4.53
HN9 B5S B . -7.70 -3.88 2.40
H11 B5S B . -8.37 -1.08 0.43
H12 B5S B . -9.42 -1.14 -1.62
H18 B5S B . -10.97 -6.71 -4.46
H19 B5S B . -12.23 -7.48 -6.24
H20 B5S B . -13.38 -5.99 -7.59
H21 B5S B . -13.26 -3.71 -7.15
H22 B5S B . -12.00 -2.92 -5.38
H25 B5S B . -9.89 -6.53 -0.02
H26 B5S B . -8.47 -8.23 -1.67
H27 B5S B . -7.08 -8.57 0.12
H32 B5S B . -8.42 -5.10 0.61
H33 B5S B . -6.34 -0.92 1.22
H29 B5S B . -9.44 -9.16 0.45
H30 B5S B . -8.49 -9.33 1.58
H31 B5S B . -9.37 -8.14 1.54
H43 B5S B . -10.18 -5.03 -3.22
H50 B5S B . -10.42 -7.30 -1.31
H52 B5S B . -7.71 -6.86 -1.45
H54 B5S B . -7.54 -7.22 0.82
#